data_5K5T
#
_entry.id   5K5T
#
_cell.length_a   126.330
_cell.length_b   150.150
_cell.length_c   214.580
_cell.angle_alpha   90.00
_cell.angle_beta   90.00
_cell.angle_gamma   90.00
#
_symmetry.space_group_name_H-M   'F 2 2 2'
#
loop_
_entity.id
_entity.type
_entity.pdbx_description
1 polymer 'Extracellular calcium-sensing receptor'
2 non-polymer 'CALCIUM ION'
3 non-polymer 'SULFATE ION'
4 non-polymer 2-acetamido-2-deoxy-beta-D-glucopyranose
5 water water
#
_entity_poly.entity_id   1
_entity_poly.type   'polypeptide(L)'
_entity_poly.pdbx_seq_one_letter_code
;MAFYSCCWVLLALTWHTSAYGPDQRAQKKGDIILGGLFPIHFGVAAKDQDLKSRPESVECIRYNFRGFRWLQAMIFAIEE
INSSPALLPNLTLGYRIFDTCNTVSKALEATLSFVAQNKIDSLNLDEFCNCSEHIPSTIAVVGATGSGVSTAVANLLGLF
YIPQVSYASSSRLLSNKNQFKSFLRTIPNDEHQATAMADIIEYFRWNWVGTIAADDDYGRPGIEKFREEAEERDICIDFS
ELISQYSDEEEIQHVVEVIQNSTAKVIVVFSSGPDLEPLIKEIVRRNITGKIWLASEAWASSSLIAMPQYFHVVGGTIGF
ALKAGQIPGFREFLKKVHPRKSVHNGFAKEFWEETFNCHLQEGAKGPLPVDTFLRGHEESGDRFSQSSTAFRPLCTGDEN
INSVETPYIDYTHLRISYNVYLAVYSIAHALQDIYTCLPGRGLFTNGSCADIKKVEAWQVLKHLRHLNFTNNMGEQVTFD
ECGDLVGNYSIINWHLSPEDGSIVFKEVGYYNVYAKKGERLFINEEKILWSGFSREVPFSNCSRDCLAGTRKGIIEGEPT
CCFECVECPDGEYSDETDASACNKCPDDFWSNENHTSCIAKEIEFLSDYKDDDDK
;
_entity_poly.pdbx_strand_id   A
#
loop_
_chem_comp.id
_chem_comp.type
_chem_comp.name
_chem_comp.formula
CA non-polymer 'CALCIUM ION' 'Ca 2'
NAG D-saccharide, beta linking 2-acetamido-2-deoxy-beta-D-glucopyranose 'C8 H15 N O6'
SO4 non-polymer 'SULFATE ION' 'O4 S -2'
#
# COMPACT_ATOMS: atom_id res chain seq x y z
N GLY A 21 10.69 27.79 5.34
CA GLY A 21 10.66 27.43 3.93
C GLY A 21 9.41 27.91 3.22
N PRO A 22 8.66 27.00 2.53
CA PRO A 22 7.43 27.42 1.83
C PRO A 22 6.42 28.15 2.72
N ASP A 23 5.74 29.17 2.15
CA ASP A 23 4.76 30.04 2.84
C ASP A 23 3.62 29.26 3.51
N GLN A 24 2.91 28.40 2.75
CA GLN A 24 1.81 27.57 3.25
C GLN A 24 2.35 26.33 3.95
N ARG A 25 1.89 26.10 5.20
CA ARG A 25 2.33 24.97 6.04
C ARG A 25 1.43 24.75 7.26
N ALA A 26 1.68 23.65 7.97
CA ALA A 26 1.02 23.30 9.22
C ALA A 26 2.16 23.27 10.24
N GLN A 27 2.29 24.35 11.03
CA GLN A 27 3.38 24.50 11.99
C GLN A 27 2.90 24.81 13.39
N LYS A 28 3.55 24.21 14.38
CA LYS A 28 3.31 24.42 15.80
C LYS A 28 4.64 24.29 16.51
N LYS A 29 4.90 25.17 17.50
CA LYS A 29 6.12 25.19 18.30
C LYS A 29 6.25 23.91 19.14
N GLY A 30 7.46 23.66 19.61
CA GLY A 30 7.76 22.50 20.43
C GLY A 30 9.23 22.36 20.75
N ASP A 31 9.53 21.59 21.81
CA ASP A 31 10.88 21.33 22.28
C ASP A 31 11.69 20.59 21.22
N ILE A 32 11.03 19.64 20.53
CA ILE A 32 11.59 18.80 19.47
C ILE A 32 10.71 18.96 18.21
N ILE A 33 11.33 19.22 17.03
CA ILE A 33 10.57 19.43 15.80
C ILE A 33 10.54 18.17 14.90
N LEU A 34 9.32 17.83 14.43
CA LEU A 34 9.05 16.71 13.54
C LEU A 34 8.60 17.27 12.19
N GLY A 35 9.23 16.81 11.12
CA GLY A 35 8.92 17.26 9.77
C GLY A 35 7.94 16.38 9.06
N GLY A 36 6.90 16.98 8.50
CA GLY A 36 5.86 16.28 7.74
C GLY A 36 5.89 16.60 6.26
N LEU A 37 5.56 15.62 5.43
CA LEU A 37 5.52 15.74 3.97
C LEU A 37 4.30 14.98 3.47
N PHE A 38 3.32 15.71 2.92
CA PHE A 38 2.08 15.07 2.49
C PHE A 38 1.56 15.58 1.16
N PRO A 39 1.02 14.71 0.30
CA PRO A 39 0.47 15.18 -0.96
C PRO A 39 -0.94 15.69 -0.79
N ILE A 40 -1.08 16.99 -0.44
CA ILE A 40 -2.37 17.66 -0.28
C ILE A 40 -2.98 17.92 -1.68
N HIS A 41 -2.11 17.89 -2.72
CA HIS A 41 -2.42 17.99 -4.14
C HIS A 41 -1.73 16.83 -4.88
N PHE A 42 -2.35 16.33 -5.95
CA PHE A 42 -1.84 15.21 -6.72
C PHE A 42 -0.68 15.55 -7.66
N GLY A 43 -0.55 16.83 -8.01
CA GLY A 43 0.51 17.29 -8.89
C GLY A 43 0.55 18.80 -9.03
N VAL A 44 1.47 19.28 -9.87
CA VAL A 44 1.65 20.71 -10.18
C VAL A 44 1.18 21.00 -11.61
N ALA A 45 0.86 22.27 -11.91
CA ALA A 45 0.39 22.70 -13.22
C ALA A 45 1.51 22.66 -14.28
N ALA A 46 1.12 22.45 -15.55
CA ALA A 46 2.04 22.39 -16.67
C ALA A 46 2.29 23.79 -17.22
N LYS A 47 3.07 24.60 -16.49
CA LYS A 47 3.39 25.95 -16.91
C LYS A 47 4.72 26.00 -17.61
N ASP A 48 4.72 26.50 -18.85
CA ASP A 48 5.94 26.68 -19.62
C ASP A 48 6.47 28.05 -19.22
N GLN A 49 7.52 28.07 -18.40
CA GLN A 49 8.09 29.31 -17.91
C GLN A 49 8.75 30.10 -19.03
N ASP A 50 8.12 31.25 -19.36
CA ASP A 50 8.54 32.19 -20.40
C ASP A 50 10.02 32.48 -20.32
N LEU A 51 10.53 32.59 -19.06
CA LEU A 51 11.91 32.89 -18.68
C LEU A 51 12.28 34.33 -19.06
N LYS A 52 11.28 35.08 -19.55
CA LYS A 52 11.36 36.50 -19.96
C LYS A 52 11.44 37.37 -18.70
N SER A 53 11.12 36.77 -17.55
CA SER A 53 11.13 37.40 -16.23
C SER A 53 11.40 36.32 -15.18
N ARG A 54 11.87 36.74 -13.97
CA ARG A 54 12.18 35.85 -12.85
C ARG A 54 11.01 34.88 -12.67
N PRO A 55 11.21 33.57 -12.88
CA PRO A 55 10.09 32.63 -12.80
C PRO A 55 9.49 32.53 -11.41
N GLU A 56 8.15 32.52 -11.34
CA GLU A 56 7.44 32.43 -10.07
C GLU A 56 7.08 30.98 -9.78
N SER A 57 6.99 30.62 -8.49
CA SER A 57 6.68 29.29 -7.98
C SER A 57 5.45 28.69 -8.66
N VAL A 58 5.62 27.49 -9.25
CA VAL A 58 4.58 26.73 -9.95
C VAL A 58 3.43 26.40 -8.98
N GLU A 59 2.19 26.39 -9.48
CA GLU A 59 1.05 26.10 -8.61
C GLU A 59 0.54 24.66 -8.69
N CYS A 60 0.24 24.08 -7.51
CA CYS A 60 -0.27 22.72 -7.33
C CYS A 60 -1.72 22.65 -7.76
N ILE A 61 -2.09 21.60 -8.52
CA ILE A 61 -3.38 21.55 -9.19
C ILE A 61 -4.48 20.63 -8.55
N ARG A 62 -4.34 19.29 -8.42
CA ARG A 62 -5.50 18.52 -7.94
C ARG A 62 -5.60 18.26 -6.44
N TYR A 63 -6.64 18.80 -5.77
CA TYR A 63 -6.84 18.63 -4.32
C TYR A 63 -7.05 17.18 -3.89
N ASN A 64 -6.28 16.75 -2.86
CA ASN A 64 -6.32 15.41 -2.31
C ASN A 64 -6.87 15.43 -0.89
N PHE A 65 -8.16 15.08 -0.75
CA PHE A 65 -8.85 15.02 0.54
C PHE A 65 -8.22 13.96 1.47
N ARG A 66 -7.88 12.79 0.90
CA ARG A 66 -7.23 11.67 1.57
C ARG A 66 -5.86 12.09 2.13
N GLY A 67 -5.10 12.85 1.34
CA GLY A 67 -3.78 13.35 1.71
C GLY A 67 -3.84 14.30 2.88
N PHE A 68 -4.90 15.13 2.94
CA PHE A 68 -5.14 16.07 4.04
C PHE A 68 -5.51 15.29 5.30
N ARG A 69 -6.24 14.17 5.13
CA ARG A 69 -6.60 13.28 6.22
C ARG A 69 -5.31 12.63 6.75
N TRP A 70 -4.40 12.23 5.84
CA TRP A 70 -3.10 11.66 6.24
C TRP A 70 -2.33 12.70 7.05
N LEU A 71 -2.35 13.99 6.63
CA LEU A 71 -1.69 15.11 7.33
C LEU A 71 -2.27 15.26 8.74
N GLN A 72 -3.62 15.12 8.87
CA GLN A 72 -4.33 15.21 10.15
C GLN A 72 -3.94 14.06 11.07
N ALA A 73 -3.63 12.87 10.49
CA ALA A 73 -3.19 11.70 11.24
C ALA A 73 -1.85 11.99 11.94
N MET A 74 -0.99 12.81 11.32
CA MET A 74 0.28 13.22 11.93
C MET A 74 0.00 14.17 13.11
N ILE A 75 -0.77 15.26 12.86
CA ILE A 75 -1.14 16.27 13.88
C ILE A 75 -1.83 15.60 15.06
N PHE A 76 -2.86 14.76 14.79
CA PHE A 76 -3.61 14.01 15.79
C PHE A 76 -2.71 13.17 16.69
N ALA A 77 -1.77 12.41 16.10
CA ALA A 77 -0.85 11.56 16.86
C ALA A 77 0.04 12.42 17.76
N ILE A 78 0.52 13.59 17.25
CA ILE A 78 1.34 14.53 18.02
C ILE A 78 0.54 15.10 19.20
N GLU A 79 -0.70 15.53 18.92
CA GLU A 79 -1.62 16.05 19.92
C GLU A 79 -1.95 15.00 20.97
N GLU A 80 -2.11 13.73 20.55
CA GLU A 80 -2.36 12.59 21.43
C GLU A 80 -1.11 12.30 22.27
N ILE A 81 0.09 12.49 21.70
CA ILE A 81 1.35 12.25 22.39
C ILE A 81 1.55 13.30 23.49
N ASN A 82 1.24 14.54 23.19
CA ASN A 82 1.35 15.69 24.10
C ASN A 82 0.31 15.64 25.25
N SER A 83 -0.89 15.08 25.01
CA SER A 83 -1.96 14.94 26.00
C SER A 83 -1.67 13.80 26.97
N SER A 84 -1.05 12.71 26.46
CA SER A 84 -0.71 11.54 27.26
C SER A 84 0.47 11.85 28.18
N PRO A 85 0.28 11.76 29.52
CA PRO A 85 1.37 12.07 30.46
C PRO A 85 2.48 11.02 30.50
N ALA A 86 2.17 9.76 30.14
CA ALA A 86 3.10 8.64 30.12
C ALA A 86 4.24 8.84 29.12
N LEU A 87 3.88 9.28 27.89
CA LEU A 87 4.77 9.47 26.76
C LEU A 87 5.32 10.88 26.64
N LEU A 88 6.65 10.97 26.65
CA LEU A 88 7.44 12.21 26.56
C LEU A 88 6.95 13.31 27.53
N PRO A 89 6.91 13.03 28.87
CA PRO A 89 6.51 14.08 29.81
C PRO A 89 7.61 15.14 29.92
N ASN A 90 7.24 16.40 30.20
CA ASN A 90 8.13 17.56 30.28
C ASN A 90 8.72 17.93 28.90
N LEU A 91 8.06 17.45 27.81
CA LEU A 91 8.43 17.71 26.42
C LEU A 91 7.18 18.02 25.60
N THR A 92 7.34 18.91 24.61
CA THR A 92 6.29 19.29 23.66
C THR A 92 6.80 18.91 22.27
N LEU A 93 6.02 18.09 21.54
CA LEU A 93 6.39 17.73 20.18
C LEU A 93 5.87 18.79 19.24
N GLY A 94 6.79 19.43 18.52
CA GLY A 94 6.49 20.48 17.56
C GLY A 94 6.56 19.95 16.16
N TYR A 95 5.81 20.57 15.23
CA TYR A 95 5.79 20.10 13.84
C TYR A 95 5.87 21.22 12.80
N ARG A 96 6.36 20.85 11.60
CA ARG A 96 6.48 21.67 10.40
C ARG A 96 6.09 20.75 9.24
N ILE A 97 4.83 20.85 8.82
CA ILE A 97 4.29 19.99 7.78
C ILE A 97 4.00 20.76 6.49
N PHE A 98 4.53 20.25 5.36
CA PHE A 98 4.35 20.86 4.05
C PHE A 98 3.62 19.95 3.05
N ASP A 99 3.20 20.55 1.92
CA ASP A 99 2.49 19.89 0.82
C ASP A 99 3.50 19.57 -0.28
N THR A 100 3.60 18.27 -0.65
CA THR A 100 4.55 17.78 -1.64
C THR A 100 4.01 17.87 -3.07
N CYS A 101 2.67 17.88 -3.22
CA CYS A 101 2.00 17.93 -4.52
C CYS A 101 2.47 16.79 -5.41
N ASN A 102 2.83 15.63 -4.79
CA ASN A 102 3.36 14.41 -5.45
C ASN A 102 4.53 14.70 -6.41
N THR A 103 5.22 15.83 -6.23
CA THR A 103 6.31 16.22 -7.11
C THR A 103 7.60 16.31 -6.32
N VAL A 104 8.70 15.88 -6.96
CA VAL A 104 10.04 15.94 -6.39
C VAL A 104 10.40 17.37 -6.01
N SER A 105 10.20 18.34 -6.94
CA SER A 105 10.47 19.77 -6.76
C SER A 105 9.84 20.37 -5.49
N LYS A 106 8.50 20.26 -5.33
CA LYS A 106 7.80 20.77 -4.17
C LYS A 106 8.26 20.10 -2.88
N ALA A 107 8.52 18.77 -2.95
CA ALA A 107 8.99 17.93 -1.85
C ALA A 107 10.43 18.25 -1.43
N LEU A 108 11.22 18.77 -2.37
CA LEU A 108 12.62 19.14 -2.14
C LEU A 108 12.67 20.53 -1.56
N GLU A 109 11.75 21.43 -1.99
CA GLU A 109 11.65 22.79 -1.45
C GLU A 109 11.41 22.68 0.05
N ALA A 110 10.53 21.73 0.45
CA ALA A 110 10.20 21.48 1.83
C ALA A 110 11.40 20.89 2.57
N THR A 111 11.98 19.80 2.06
CA THR A 111 13.14 19.10 2.65
C THR A 111 14.31 20.06 2.90
N LEU A 112 14.54 21.03 2.00
CA LEU A 112 15.61 22.02 2.15
C LEU A 112 15.44 22.86 3.39
N SER A 113 14.19 23.14 3.78
CA SER A 113 13.84 23.89 4.98
C SER A 113 14.15 23.04 6.22
N PHE A 114 13.88 21.72 6.16
CA PHE A 114 14.15 20.78 7.25
C PHE A 114 15.66 20.62 7.49
N VAL A 115 16.41 20.51 6.40
CA VAL A 115 17.85 20.30 6.31
C VAL A 115 18.65 21.56 6.67
N ALA A 116 18.12 22.74 6.30
CA ALA A 116 18.70 24.09 6.42
C ALA A 116 19.62 24.33 7.62
N GLN A 117 19.07 24.25 8.84
CA GLN A 117 19.79 24.51 10.08
C GLN A 117 20.88 23.52 10.40
N ASN A 118 20.51 22.23 10.34
CA ASN A 118 21.21 21.05 10.80
C ASN A 118 22.73 20.99 10.48
N LYS A 119 23.15 20.86 9.21
CA LYS A 119 24.59 20.77 8.89
C LYS A 119 25.00 21.60 7.69
N ILE A 120 24.01 22.20 6.99
CA ILE A 120 24.30 23.01 5.80
C ILE A 120 25.36 24.04 6.18
N ASP A 121 25.13 24.75 7.29
CA ASP A 121 26.05 25.71 7.85
C ASP A 121 27.21 24.99 8.44
N SER A 122 26.98 23.83 9.10
CA SER A 122 28.08 23.08 9.73
C SER A 122 29.24 22.84 8.72
N LEU A 123 28.92 22.55 7.43
CA LEU A 123 29.92 22.39 6.37
C LEU A 123 30.56 23.72 5.99
N ASN A 124 29.75 24.80 5.94
CA ASN A 124 30.15 26.12 5.45
C ASN A 124 30.39 27.21 6.53
N LEU A 125 31.08 28.30 6.15
CA LEU A 125 31.45 29.43 7.01
C LEU A 125 30.27 30.27 7.51
N ASP A 126 29.08 30.10 6.91
CA ASP A 126 27.87 30.87 7.24
C ASP A 126 27.46 30.79 8.70
N GLU A 127 28.07 29.89 9.50
CA GLU A 127 27.80 29.80 10.93
C GLU A 127 28.10 31.13 11.63
N PHE A 128 29.01 31.95 11.05
CA PHE A 128 29.40 33.30 11.49
C PHE A 128 28.24 34.29 11.26
N CYS A 129 27.18 33.78 10.60
CA CYS A 129 25.96 34.50 10.28
C CYS A 129 24.92 34.26 11.40
N ASN A 130 23.84 33.44 11.25
CA ASN A 130 22.85 33.20 12.31
C ASN A 130 22.94 31.74 12.72
N PRO A 136 15.61 25.97 15.14
CA PRO A 136 14.44 25.16 14.78
C PRO A 136 14.87 23.87 14.03
N SER A 137 15.68 23.05 14.72
CA SER A 137 16.22 21.80 14.17
C SER A 137 15.15 20.73 13.98
N THR A 138 15.15 20.09 12.81
CA THR A 138 14.25 18.99 12.48
C THR A 138 15.04 17.73 12.78
N ILE A 139 14.50 16.87 13.66
CA ILE A 139 15.19 15.64 14.06
C ILE A 139 14.72 14.42 13.28
N ALA A 140 13.44 14.39 12.84
CA ALA A 140 12.86 13.29 12.08
C ALA A 140 11.82 13.81 11.10
N VAL A 141 11.68 13.12 9.95
CA VAL A 141 10.72 13.48 8.89
C VAL A 141 9.79 12.30 8.56
N VAL A 142 8.49 12.56 8.56
CA VAL A 142 7.41 11.64 8.19
C VAL A 142 7.11 11.91 6.70
N GLY A 143 7.16 10.86 5.89
CA GLY A 143 6.91 10.97 4.46
C GLY A 143 7.92 10.24 3.59
N ALA A 144 7.72 10.19 2.26
CA ALA A 144 6.56 10.75 1.56
C ALA A 144 5.63 9.63 1.05
N THR A 145 4.81 9.92 0.04
CA THR A 145 3.86 8.94 -0.48
C THR A 145 4.50 8.07 -1.55
N GLY A 146 4.86 8.67 -2.68
CA GLY A 146 5.45 7.97 -3.81
C GLY A 146 6.89 7.58 -3.57
N SER A 147 7.28 6.41 -4.10
CA SER A 147 8.63 5.88 -3.99
C SER A 147 9.66 6.78 -4.70
N GLY A 148 9.22 7.48 -5.75
CA GLY A 148 10.05 8.42 -6.49
C GLY A 148 10.40 9.62 -5.65
N VAL A 149 9.36 10.22 -5.01
CA VAL A 149 9.46 11.41 -4.16
C VAL A 149 10.31 11.10 -2.92
N SER A 150 10.03 9.95 -2.26
CA SER A 150 10.76 9.50 -1.08
C SER A 150 12.25 9.37 -1.35
N THR A 151 12.62 8.79 -2.54
CA THR A 151 14.02 8.61 -2.96
C THR A 151 14.74 9.96 -3.02
N ALA A 152 14.08 10.98 -3.59
CA ALA A 152 14.63 12.32 -3.75
C ALA A 152 14.85 13.01 -2.40
N VAL A 153 13.89 12.83 -1.47
CA VAL A 153 13.92 13.37 -0.11
C VAL A 153 15.06 12.66 0.67
N ALA A 154 15.08 11.30 0.61
CA ALA A 154 16.06 10.43 1.26
C ALA A 154 17.50 10.75 0.89
N ASN A 155 17.75 11.18 -0.36
CA ASN A 155 19.09 11.51 -0.85
C ASN A 155 19.65 12.72 -0.13
N LEU A 156 18.75 13.64 0.27
CA LEU A 156 19.07 14.88 0.97
C LEU A 156 19.16 14.66 2.50
N LEU A 157 18.13 14.00 3.10
CA LEU A 157 18.10 13.70 4.54
C LEU A 157 19.23 12.76 4.97
N GLY A 158 19.69 11.91 4.05
CA GLY A 158 20.76 10.94 4.27
C GLY A 158 22.11 11.57 4.53
N LEU A 159 22.36 12.76 3.95
CA LEU A 159 23.62 13.49 4.09
C LEU A 159 23.87 13.97 5.52
N PHE A 160 22.77 14.16 6.27
CA PHE A 160 22.77 14.68 7.63
C PHE A 160 22.20 13.66 8.60
N TYR A 161 21.92 12.45 8.10
CA TYR A 161 21.39 11.29 8.82
C TYR A 161 20.07 11.57 9.55
N ILE A 162 19.27 12.53 9.02
CA ILE A 162 17.96 12.87 9.58
C ILE A 162 17.01 11.71 9.27
N PRO A 163 16.49 10.98 10.28
CA PRO A 163 15.59 9.86 9.98
C PRO A 163 14.34 10.24 9.19
N GLN A 164 13.97 9.38 8.25
CA GLN A 164 12.81 9.54 7.42
C GLN A 164 11.97 8.29 7.55
N VAL A 165 10.73 8.44 7.97
CA VAL A 165 9.82 7.30 8.13
C VAL A 165 8.66 7.48 7.15
N SER A 166 8.70 6.73 6.05
CA SER A 166 7.67 6.80 5.02
C SER A 166 6.46 5.93 5.34
N TYR A 167 5.28 6.43 5.02
CA TYR A 167 4.03 5.75 5.27
C TYR A 167 3.48 5.03 4.03
N ALA A 168 3.93 5.38 2.80
CA ALA A 168 3.37 4.75 1.59
C ALA A 168 4.39 4.25 0.54
N SER A 169 5.66 4.66 0.60
CA SER A 169 6.69 4.27 -0.37
C SER A 169 7.16 2.83 -0.10
N SER A 170 6.69 1.86 -0.92
CA SER A 170 6.99 0.45 -0.72
C SER A 170 7.97 -0.17 -1.76
N SER A 171 8.71 0.65 -2.52
CA SER A 171 9.68 0.12 -3.50
C SER A 171 10.89 -0.55 -2.84
N ARG A 172 11.28 -1.72 -3.37
CA ARG A 172 12.43 -2.51 -2.91
C ARG A 172 13.76 -1.76 -2.96
N LEU A 173 13.85 -0.72 -3.83
CA LEU A 173 15.05 0.09 -4.05
C LEU A 173 15.46 0.92 -2.84
N LEU A 174 14.47 1.33 -2.02
CA LEU A 174 14.68 2.16 -0.82
C LEU A 174 15.28 1.38 0.35
N SER A 175 15.29 0.02 0.27
CA SER A 175 15.84 -0.89 1.29
C SER A 175 17.37 -0.87 1.33
N ASN A 176 18.00 -0.37 0.26
CA ASN A 176 19.44 -0.26 0.08
C ASN A 176 20.01 0.73 1.09
N LYS A 177 20.56 0.22 2.22
CA LYS A 177 21.12 1.08 3.26
C LYS A 177 22.45 1.76 2.85
N ASN A 178 23.04 1.37 1.69
CA ASN A 178 24.24 2.01 1.14
C ASN A 178 23.83 3.39 0.60
N GLN A 179 22.73 3.44 -0.17
CA GLN A 179 22.18 4.65 -0.75
C GLN A 179 21.40 5.44 0.29
N PHE A 180 20.47 4.76 0.99
CA PHE A 180 19.55 5.37 1.95
C PHE A 180 19.93 5.08 3.40
N LYS A 181 20.82 5.93 3.93
CA LYS A 181 21.38 5.86 5.28
C LYS A 181 20.38 6.12 6.42
N SER A 182 19.38 6.98 6.19
CA SER A 182 18.42 7.34 7.23
C SER A 182 16.96 7.00 6.88
N PHE A 183 16.75 6.09 5.92
CA PHE A 183 15.39 5.74 5.51
C PHE A 183 14.81 4.58 6.28
N LEU A 184 13.55 4.75 6.70
CA LEU A 184 12.70 3.79 7.40
C LEU A 184 11.29 3.93 6.85
N ARG A 185 10.41 2.96 7.11
CA ARG A 185 9.04 2.99 6.64
C ARG A 185 8.09 2.09 7.44
N THR A 186 6.90 2.61 7.75
CA THR A 186 5.84 1.86 8.46
C THR A 186 4.95 1.15 7.43
N ILE A 187 5.58 0.68 6.34
CA ILE A 187 4.98 -0.05 5.22
C ILE A 187 6.00 -1.16 4.82
N PRO A 188 5.57 -2.41 4.53
CA PRO A 188 6.58 -3.43 4.19
C PRO A 188 6.98 -3.43 2.71
N ASN A 189 8.24 -3.81 2.47
CA ASN A 189 8.88 -3.93 1.15
C ASN A 189 8.07 -4.91 0.25
N ASP A 190 7.89 -4.53 -1.03
CA ASP A 190 7.12 -5.29 -2.03
C ASP A 190 7.70 -6.68 -2.41
N GLU A 191 8.93 -7.00 -1.96
CA GLU A 191 9.63 -8.25 -2.28
C GLU A 191 8.98 -9.49 -1.68
N HIS A 192 8.69 -9.45 -0.37
CA HIS A 192 8.12 -10.53 0.43
C HIS A 192 6.79 -11.04 -0.12
N GLN A 193 6.03 -10.13 -0.80
CA GLN A 193 4.74 -10.38 -1.44
C GLN A 193 4.77 -11.53 -2.43
N ALA A 194 5.89 -11.68 -3.17
CA ALA A 194 6.07 -12.75 -4.15
C ALA A 194 6.23 -14.13 -3.48
N THR A 195 6.94 -14.17 -2.33
CA THR A 195 7.14 -15.40 -1.55
C THR A 195 5.81 -15.77 -0.89
N ALA A 196 5.09 -14.75 -0.40
CA ALA A 196 3.78 -14.89 0.23
C ALA A 196 2.76 -15.54 -0.69
N MET A 197 2.77 -15.12 -1.99
CA MET A 197 1.89 -15.63 -3.05
C MET A 197 2.07 -17.13 -3.21
N ALA A 198 3.35 -17.59 -3.25
CA ALA A 198 3.73 -18.98 -3.36
C ALA A 198 3.19 -19.80 -2.20
N ASP A 199 3.28 -19.25 -0.97
CA ASP A 199 2.79 -19.88 0.26
C ASP A 199 1.30 -20.16 0.24
N ILE A 200 0.52 -19.30 -0.44
CA ILE A 200 -0.94 -19.46 -0.58
C ILE A 200 -1.22 -20.60 -1.57
N ILE A 201 -0.50 -20.63 -2.72
CA ILE A 201 -0.62 -21.67 -3.76
C ILE A 201 -0.34 -23.03 -3.14
N GLU A 202 0.68 -23.08 -2.26
CA GLU A 202 1.14 -24.24 -1.52
C GLU A 202 0.03 -24.71 -0.56
N TYR A 203 -0.51 -23.76 0.25
CA TYR A 203 -1.56 -23.97 1.25
C TYR A 203 -2.81 -24.63 0.66
N PHE A 204 -3.31 -24.12 -0.48
CA PHE A 204 -4.51 -24.67 -1.10
C PHE A 204 -4.24 -25.80 -2.08
N ARG A 205 -3.01 -26.36 -2.03
CA ARG A 205 -2.52 -27.48 -2.83
C ARG A 205 -2.90 -27.37 -4.32
N TRP A 206 -2.35 -26.33 -4.97
CA TRP A 206 -2.51 -26.04 -6.40
C TRP A 206 -1.14 -26.16 -7.08
N ASN A 207 -1.10 -26.63 -8.34
CA ASN A 207 0.16 -26.74 -9.09
C ASN A 207 0.06 -26.10 -10.47
N TRP A 208 -1.16 -25.70 -10.89
CA TRP A 208 -1.40 -25.07 -12.19
C TRP A 208 -1.86 -23.62 -12.02
N VAL A 209 -0.94 -22.69 -12.27
CA VAL A 209 -1.17 -21.25 -12.13
C VAL A 209 -0.78 -20.48 -13.39
N GLY A 210 -1.21 -19.23 -13.45
CA GLY A 210 -0.89 -18.29 -14.52
C GLY A 210 -0.40 -16.99 -13.94
N THR A 211 0.51 -16.29 -14.63
CA THR A 211 1.01 -15.03 -14.12
C THR A 211 0.77 -13.89 -15.07
N ILE A 212 0.39 -12.74 -14.51
CA ILE A 212 0.17 -11.47 -15.19
C ILE A 212 0.94 -10.42 -14.41
N ALA A 213 1.74 -9.60 -15.11
CA ALA A 213 2.58 -8.58 -14.47
C ALA A 213 2.53 -7.24 -15.18
N ALA A 214 2.78 -6.16 -14.42
CA ALA A 214 2.87 -4.84 -15.01
C ALA A 214 4.26 -4.77 -15.65
N ASP A 215 4.34 -4.29 -16.90
CA ASP A 215 5.59 -4.18 -17.64
C ASP A 215 6.44 -2.99 -17.08
N ASP A 216 6.76 -3.06 -15.79
CA ASP A 216 7.53 -2.03 -15.09
C ASP A 216 8.41 -2.63 -13.98
N ASP A 217 9.20 -1.78 -13.30
CA ASP A 217 10.10 -2.15 -12.20
C ASP A 217 9.38 -2.76 -10.96
N TYR A 218 8.03 -2.89 -11.04
CA TYR A 218 7.20 -3.49 -9.99
C TYR A 218 6.82 -4.92 -10.36
N GLY A 219 6.03 -5.05 -11.43
CA GLY A 219 5.53 -6.33 -11.93
C GLY A 219 6.60 -7.31 -12.31
N ARG A 220 7.54 -6.87 -13.17
CA ARG A 220 8.66 -7.67 -13.68
C ARG A 220 9.49 -8.36 -12.58
N PRO A 221 10.11 -7.66 -11.59
CA PRO A 221 10.87 -8.38 -10.56
C PRO A 221 10.01 -9.18 -9.60
N GLY A 222 8.75 -8.77 -9.42
CA GLY A 222 7.77 -9.43 -8.57
C GLY A 222 7.40 -10.80 -9.10
N ILE A 223 7.05 -10.86 -10.40
CA ILE A 223 6.69 -12.10 -11.10
C ILE A 223 7.93 -13.01 -11.23
N GLU A 224 9.12 -12.42 -11.43
CA GLU A 224 10.38 -13.14 -11.51
C GLU A 224 10.70 -13.80 -10.15
N LYS A 225 10.55 -13.04 -9.03
CA LYS A 225 10.75 -13.55 -7.66
C LYS A 225 9.71 -14.63 -7.35
N PHE A 226 8.45 -14.43 -7.83
CA PHE A 226 7.38 -15.43 -7.64
C PHE A 226 7.71 -16.71 -8.39
N ARG A 227 8.16 -16.60 -9.65
CA ARG A 227 8.54 -17.70 -10.53
C ARG A 227 9.63 -18.59 -9.89
N GLU A 228 10.57 -17.95 -9.15
CA GLU A 228 11.66 -18.59 -8.43
C GLU A 228 11.08 -19.41 -7.25
N GLU A 229 10.23 -18.77 -6.42
CA GLU A 229 9.57 -19.36 -5.25
C GLU A 229 8.58 -20.47 -5.63
N ALA A 230 7.92 -20.34 -6.80
CA ALA A 230 6.92 -21.28 -7.32
C ALA A 230 7.56 -22.59 -7.75
N GLU A 231 8.70 -22.50 -8.47
CA GLU A 231 9.44 -23.68 -8.94
C GLU A 231 10.02 -24.48 -7.75
N GLU A 232 10.32 -23.79 -6.63
CA GLU A 232 10.85 -24.37 -5.39
C GLU A 232 9.80 -25.24 -4.68
N ARG A 233 8.54 -24.76 -4.61
CA ARG A 233 7.42 -25.46 -3.98
C ARG A 233 6.68 -26.40 -4.97
N ASP A 234 7.28 -26.63 -6.15
CA ASP A 234 6.79 -27.48 -7.25
C ASP A 234 5.41 -27.04 -7.80
N ILE A 235 5.33 -25.74 -8.14
CA ILE A 235 4.16 -25.06 -8.73
C ILE A 235 4.55 -24.73 -10.18
N CYS A 236 3.83 -25.28 -11.18
CA CYS A 236 4.16 -24.99 -12.57
C CYS A 236 3.32 -23.84 -13.10
N ILE A 237 3.95 -22.94 -13.85
CA ILE A 237 3.29 -21.77 -14.44
C ILE A 237 2.96 -22.02 -15.92
N ASP A 238 1.65 -21.99 -16.27
CA ASP A 238 1.17 -22.22 -17.64
C ASP A 238 1.52 -21.06 -18.55
N PHE A 239 1.28 -19.83 -18.08
CA PHE A 239 1.51 -18.63 -18.87
C PHE A 239 2.06 -17.48 -18.06
N SER A 240 2.90 -16.66 -18.69
CA SER A 240 3.48 -15.48 -18.07
C SER A 240 3.29 -14.34 -19.05
N GLU A 241 2.37 -13.42 -18.76
CA GLU A 241 2.05 -12.30 -19.63
C GLU A 241 2.31 -10.96 -18.97
N LEU A 242 2.57 -9.92 -19.77
CA LEU A 242 2.82 -8.57 -19.32
C LEU A 242 1.74 -7.63 -19.80
N ILE A 243 1.30 -6.72 -18.92
CA ILE A 243 0.25 -5.73 -19.18
C ILE A 243 0.70 -4.32 -18.80
N SER A 244 0.02 -3.32 -19.39
CA SER A 244 0.27 -1.90 -19.17
C SER A 244 -1.06 -1.16 -19.22
N GLN A 245 -1.07 0.11 -18.78
CA GLN A 245 -2.25 0.96 -18.86
C GLN A 245 -2.34 1.52 -20.29
N TYR A 246 -1.20 1.49 -21.01
CA TYR A 246 -0.99 1.97 -22.38
C TYR A 246 -0.90 0.83 -23.41
N SER A 247 -1.42 -0.38 -23.07
CA SER A 247 -1.42 -1.53 -23.98
C SER A 247 -2.46 -1.37 -25.08
N ASP A 248 -2.13 -1.84 -26.30
CA ASP A 248 -3.01 -1.79 -27.47
C ASP A 248 -4.19 -2.72 -27.29
N GLU A 249 -5.29 -2.46 -28.02
CA GLU A 249 -6.48 -3.31 -28.04
C GLU A 249 -6.04 -4.74 -28.42
N GLU A 250 -5.04 -4.84 -29.33
CA GLU A 250 -4.40 -6.06 -29.83
C GLU A 250 -3.61 -6.78 -28.72
N GLU A 251 -2.79 -6.04 -27.96
CA GLU A 251 -1.94 -6.54 -26.86
C GLU A 251 -2.76 -7.15 -25.72
N ILE A 252 -3.95 -6.57 -25.46
CA ILE A 252 -4.89 -7.01 -24.43
C ILE A 252 -5.65 -8.26 -24.93
N GLN A 253 -6.07 -8.24 -26.23
CA GLN A 253 -6.77 -9.35 -26.90
C GLN A 253 -5.98 -10.66 -26.82
N HIS A 254 -4.64 -10.55 -26.90
CA HIS A 254 -3.71 -11.67 -26.83
C HIS A 254 -3.73 -12.29 -25.44
N VAL A 255 -3.50 -11.48 -24.38
CA VAL A 255 -3.47 -11.94 -22.98
C VAL A 255 -4.81 -12.57 -22.58
N VAL A 256 -5.95 -11.96 -23.02
CA VAL A 256 -7.31 -12.47 -22.79
C VAL A 256 -7.43 -13.89 -23.36
N GLU A 257 -6.95 -14.10 -24.62
CA GLU A 257 -6.91 -15.41 -25.29
C GLU A 257 -6.02 -16.36 -24.49
N VAL A 258 -4.81 -15.91 -24.09
CA VAL A 258 -3.85 -16.67 -23.29
C VAL A 258 -4.50 -17.22 -22.00
N ILE A 259 -5.31 -16.40 -21.30
CA ILE A 259 -6.04 -16.79 -20.10
C ILE A 259 -7.14 -17.80 -20.44
N GLN A 260 -7.97 -17.49 -21.47
CA GLN A 260 -9.08 -18.31 -21.95
C GLN A 260 -8.66 -19.73 -22.35
N ASN A 261 -7.58 -19.82 -23.16
CA ASN A 261 -6.99 -21.06 -23.67
C ASN A 261 -6.41 -21.95 -22.56
N SER A 262 -5.96 -21.34 -21.45
CA SER A 262 -5.35 -22.01 -20.31
C SER A 262 -6.38 -22.78 -19.47
N THR A 263 -5.93 -23.84 -18.78
CA THR A 263 -6.81 -24.64 -17.92
C THR A 263 -6.70 -24.19 -16.45
N ALA A 264 -5.63 -23.42 -16.11
CA ALA A 264 -5.37 -22.89 -14.77
C ALA A 264 -6.44 -21.89 -14.38
N LYS A 265 -6.96 -22.01 -13.15
CA LYS A 265 -7.98 -21.09 -12.62
C LYS A 265 -7.29 -19.98 -11.84
N VAL A 266 -6.28 -20.36 -11.03
CA VAL A 266 -5.48 -19.45 -10.21
C VAL A 266 -4.57 -18.59 -11.09
N ILE A 267 -4.75 -17.26 -11.02
CA ILE A 267 -3.91 -16.28 -11.73
C ILE A 267 -3.28 -15.37 -10.67
N VAL A 268 -1.97 -15.16 -10.77
CA VAL A 268 -1.23 -14.31 -9.85
C VAL A 268 -0.99 -13.00 -10.61
N VAL A 269 -1.52 -11.87 -10.08
CA VAL A 269 -1.36 -10.57 -10.73
C VAL A 269 -0.49 -9.64 -9.89
N PHE A 270 0.64 -9.18 -10.47
CA PHE A 270 1.57 -8.24 -9.83
C PHE A 270 1.49 -6.93 -10.57
N SER A 271 0.36 -6.24 -10.41
CA SER A 271 0.09 -5.00 -11.11
C SER A 271 -0.55 -3.98 -10.19
N SER A 272 -0.72 -2.76 -10.68
CA SER A 272 -1.40 -1.64 -10.04
C SER A 272 -2.79 -1.60 -10.69
N GLY A 273 -3.70 -0.86 -10.08
CA GLY A 273 -5.05 -0.65 -10.60
C GLY A 273 -5.05 -0.06 -12.00
N PRO A 274 -4.27 1.01 -12.30
CA PRO A 274 -4.27 1.56 -13.66
C PRO A 274 -3.76 0.61 -14.74
N ASP A 275 -2.61 -0.07 -14.47
CA ASP A 275 -1.99 -1.02 -15.39
C ASP A 275 -2.87 -2.24 -15.67
N LEU A 276 -3.60 -2.74 -14.65
CA LEU A 276 -4.46 -3.93 -14.76
C LEU A 276 -5.87 -3.63 -15.32
N GLU A 277 -6.37 -2.40 -15.13
CA GLU A 277 -7.69 -1.93 -15.59
C GLU A 277 -8.03 -2.25 -17.07
N PRO A 278 -7.13 -2.05 -18.09
CA PRO A 278 -7.53 -2.37 -19.48
C PRO A 278 -7.90 -3.83 -19.71
N LEU A 279 -7.06 -4.75 -19.16
CA LEU A 279 -7.21 -6.19 -19.21
C LEU A 279 -8.50 -6.62 -18.50
N ILE A 280 -8.73 -6.11 -17.27
CA ILE A 280 -9.92 -6.44 -16.47
C ILE A 280 -11.19 -6.01 -17.22
N LYS A 281 -11.20 -4.80 -17.81
CA LYS A 281 -12.35 -4.30 -18.58
C LYS A 281 -12.77 -5.30 -19.68
N GLU A 282 -11.77 -5.85 -20.42
CA GLU A 282 -11.94 -6.81 -21.50
C GLU A 282 -12.40 -8.20 -21.01
N ILE A 283 -11.91 -8.64 -19.82
CA ILE A 283 -12.31 -9.94 -19.21
C ILE A 283 -13.78 -9.82 -18.74
N VAL A 284 -14.16 -8.61 -18.26
CA VAL A 284 -15.50 -8.26 -17.83
C VAL A 284 -16.42 -8.13 -19.06
N ARG A 285 -15.85 -7.70 -20.21
CA ARG A 285 -16.57 -7.59 -21.47
C ARG A 285 -16.93 -8.99 -22.02
N ARG A 286 -15.99 -9.96 -21.89
CA ARG A 286 -16.15 -11.33 -22.40
C ARG A 286 -16.81 -12.33 -21.42
N ASN A 287 -17.10 -11.87 -20.19
CA ASN A 287 -17.76 -12.59 -19.08
C ASN A 287 -17.10 -13.98 -18.77
N ILE A 288 -15.77 -13.93 -18.48
CA ILE A 288 -14.89 -15.04 -18.10
C ILE A 288 -14.93 -15.16 -16.56
N THR A 289 -15.79 -16.07 -16.06
CA THR A 289 -16.11 -16.24 -14.64
C THR A 289 -15.12 -17.07 -13.80
N GLY A 290 -14.81 -18.29 -14.24
CA GLY A 290 -13.98 -19.27 -13.54
C GLY A 290 -12.79 -18.82 -12.69
N LYS A 291 -11.97 -17.92 -13.24
CA LYS A 291 -10.71 -17.41 -12.70
C LYS A 291 -10.76 -16.95 -11.25
N ILE A 292 -9.79 -17.45 -10.45
CA ILE A 292 -9.63 -17.10 -9.04
C ILE A 292 -8.32 -16.29 -8.90
N TRP A 293 -8.49 -14.98 -8.67
CA TRP A 293 -7.41 -13.98 -8.65
C TRP A 293 -6.60 -13.90 -7.36
N LEU A 294 -5.28 -13.79 -7.53
CA LEU A 294 -4.36 -13.62 -6.42
C LEU A 294 -3.72 -12.26 -6.56
N ALA A 295 -4.35 -11.31 -5.87
CA ALA A 295 -4.05 -9.89 -5.89
C ALA A 295 -2.82 -9.46 -5.12
N SER A 296 -2.03 -8.64 -5.81
CA SER A 296 -0.82 -7.98 -5.33
C SER A 296 -1.30 -6.77 -4.53
N GLU A 297 -0.56 -6.36 -3.49
CA GLU A 297 -0.89 -5.21 -2.63
C GLU A 297 -1.36 -3.97 -3.44
N ALA A 298 -0.62 -3.66 -4.55
CA ALA A 298 -0.87 -2.54 -5.44
C ALA A 298 -2.28 -2.50 -6.06
N TRP A 299 -2.96 -3.67 -6.18
CA TRP A 299 -4.31 -3.67 -6.72
C TRP A 299 -5.33 -4.42 -5.85
N ALA A 300 -4.87 -5.10 -4.78
CA ALA A 300 -5.69 -5.87 -3.85
C ALA A 300 -6.82 -5.07 -3.20
N SER A 301 -6.58 -3.77 -2.95
CA SER A 301 -7.58 -2.87 -2.36
C SER A 301 -7.94 -1.74 -3.32
N SER A 302 -7.45 -1.82 -4.58
CA SER A 302 -7.70 -0.82 -5.62
C SER A 302 -9.18 -0.76 -6.01
N SER A 303 -9.81 0.39 -5.80
CA SER A 303 -11.20 0.65 -6.14
C SER A 303 -11.42 0.79 -7.65
N LEU A 304 -10.32 0.89 -8.44
CA LEU A 304 -10.35 0.97 -9.89
C LEU A 304 -10.73 -0.40 -10.45
N ILE A 305 -10.36 -1.47 -9.70
CA ILE A 305 -10.63 -2.87 -10.04
C ILE A 305 -11.80 -3.40 -9.21
N ALA A 306 -11.88 -3.03 -7.91
CA ALA A 306 -12.94 -3.45 -7.00
C ALA A 306 -14.26 -2.70 -7.27
N MET A 307 -14.76 -2.86 -8.49
CA MET A 307 -15.98 -2.24 -8.98
C MET A 307 -17.11 -3.28 -9.06
N PRO A 308 -18.35 -2.94 -8.63
CA PRO A 308 -19.44 -3.93 -8.62
C PRO A 308 -19.80 -4.53 -9.96
N GLN A 309 -19.67 -3.75 -11.06
CA GLN A 309 -19.95 -4.21 -12.43
C GLN A 309 -19.02 -5.37 -12.82
N TYR A 310 -17.83 -5.41 -12.21
CA TYR A 310 -16.77 -6.38 -12.46
C TYR A 310 -16.86 -7.70 -11.65
N PHE A 311 -17.65 -7.74 -10.54
CA PHE A 311 -17.80 -8.89 -9.62
C PHE A 311 -17.98 -10.26 -10.30
N HIS A 312 -18.57 -10.29 -11.51
CA HIS A 312 -18.78 -11.51 -12.31
C HIS A 312 -17.47 -12.24 -12.61
N VAL A 313 -16.40 -11.46 -12.79
CA VAL A 313 -15.06 -11.94 -13.11
C VAL A 313 -14.15 -11.92 -11.87
N VAL A 314 -13.98 -10.73 -11.27
CA VAL A 314 -13.05 -10.43 -10.19
C VAL A 314 -13.59 -10.78 -8.75
N GLY A 315 -14.75 -11.41 -8.67
CA GLY A 315 -15.32 -11.83 -7.39
C GLY A 315 -14.46 -12.84 -6.67
N GLY A 316 -14.43 -12.76 -5.35
CA GLY A 316 -13.67 -13.65 -4.48
C GLY A 316 -12.15 -13.56 -4.59
N THR A 317 -11.64 -12.42 -5.12
CA THR A 317 -10.21 -12.19 -5.25
C THR A 317 -9.56 -12.25 -3.88
N ILE A 318 -8.43 -12.96 -3.75
CA ILE A 318 -7.68 -13.02 -2.48
C ILE A 318 -6.45 -12.11 -2.68
N GLY A 319 -6.28 -11.14 -1.78
CA GLY A 319 -5.17 -10.20 -1.88
C GLY A 319 -4.48 -9.80 -0.59
N PHE A 320 -3.44 -8.98 -0.72
CA PHE A 320 -2.66 -8.46 0.40
C PHE A 320 -2.93 -7.00 0.62
N ALA A 321 -3.22 -6.63 1.85
CA ALA A 321 -3.48 -5.25 2.18
C ALA A 321 -2.58 -4.85 3.33
N LEU A 322 -2.54 -3.55 3.61
CA LEU A 322 -1.82 -3.03 4.75
C LEU A 322 -2.85 -3.14 5.85
N LYS A 323 -2.45 -3.59 7.05
CA LYS A 323 -3.39 -3.79 8.16
C LYS A 323 -4.27 -2.57 8.42
N ALA A 324 -5.60 -2.78 8.34
CA ALA A 324 -6.59 -1.74 8.54
C ALA A 324 -6.64 -1.36 10.02
N GLY A 325 -5.79 -0.42 10.39
CA GLY A 325 -5.65 0.06 11.76
C GLY A 325 -6.83 0.86 12.26
N GLN A 326 -6.89 1.03 13.59
CA GLN A 326 -7.97 1.75 14.28
C GLN A 326 -7.41 2.79 15.20
N ILE A 327 -7.79 4.05 14.94
CA ILE A 327 -7.36 5.22 15.69
C ILE A 327 -8.59 5.83 16.38
N PRO A 328 -8.75 5.61 17.70
CA PRO A 328 -9.93 6.15 18.40
C PRO A 328 -9.88 7.66 18.60
N GLY A 329 -11.03 8.30 18.41
CA GLY A 329 -11.19 9.75 18.54
C GLY A 329 -10.67 10.56 17.36
N PHE A 330 -10.27 9.88 16.27
CA PHE A 330 -9.75 10.55 15.07
C PHE A 330 -10.86 11.20 14.25
N ARG A 331 -11.97 10.46 14.01
CA ARG A 331 -13.14 10.94 13.27
C ARG A 331 -13.67 12.22 13.90
N GLU A 332 -13.64 12.31 15.24
CA GLU A 332 -14.07 13.47 16.00
C GLU A 332 -13.12 14.64 15.75
N PHE A 333 -11.80 14.39 15.80
CA PHE A 333 -10.76 15.40 15.55
C PHE A 333 -10.82 15.91 14.11
N LEU A 334 -11.13 15.01 13.16
CA LEU A 334 -11.26 15.36 11.74
C LEU A 334 -12.41 16.33 11.57
N LYS A 335 -13.55 16.07 12.24
CA LYS A 335 -14.75 16.90 12.23
C LYS A 335 -14.50 18.28 12.89
N LYS A 336 -13.50 18.36 13.80
CA LYS A 336 -13.11 19.59 14.52
C LYS A 336 -12.44 20.66 13.65
N VAL A 337 -12.06 20.32 12.40
CA VAL A 337 -11.39 21.25 11.48
C VAL A 337 -12.29 22.48 11.16
N HIS A 338 -11.66 23.67 11.12
CA HIS A 338 -12.29 24.96 10.84
C HIS A 338 -11.24 25.92 10.27
N PRO A 339 -11.55 26.77 9.25
CA PRO A 339 -10.51 27.66 8.70
C PRO A 339 -10.01 28.73 9.67
N ARG A 340 -10.91 29.27 10.53
CA ARG A 340 -10.59 30.28 11.53
C ARG A 340 -9.97 29.65 12.77
N LYS A 341 -10.65 28.61 13.33
CA LYS A 341 -10.27 27.90 14.57
C LYS A 341 -8.97 27.10 14.48
N SER A 342 -8.61 26.58 13.29
CA SER A 342 -7.37 25.81 13.10
C SER A 342 -6.22 26.76 12.72
N VAL A 343 -5.62 27.37 13.76
CA VAL A 343 -4.54 28.38 13.70
C VAL A 343 -3.18 27.78 13.28
N HIS A 344 -2.93 26.51 13.65
CA HIS A 344 -1.67 25.86 13.31
C HIS A 344 -1.68 25.14 11.96
N ASN A 345 -2.86 25.06 11.30
CA ASN A 345 -3.05 24.41 10.00
C ASN A 345 -3.33 25.44 8.88
N GLY A 346 -2.31 25.71 8.07
CA GLY A 346 -2.40 26.64 6.95
C GLY A 346 -3.29 26.11 5.84
N PHE A 347 -3.28 24.78 5.67
CA PHE A 347 -4.07 24.05 4.66
C PHE A 347 -5.59 23.99 4.99
N ALA A 348 -5.98 24.38 6.24
CA ALA A 348 -7.37 24.36 6.74
C ALA A 348 -8.34 25.26 5.97
N LYS A 349 -7.86 26.43 5.50
CA LYS A 349 -8.64 27.38 4.70
C LYS A 349 -8.87 26.78 3.32
N GLU A 350 -7.79 26.32 2.66
CA GLU A 350 -7.82 25.67 1.33
C GLU A 350 -8.73 24.43 1.36
N PHE A 351 -8.61 23.61 2.44
CA PHE A 351 -9.45 22.42 2.61
C PHE A 351 -10.92 22.84 2.57
N TRP A 352 -11.29 23.81 3.45
CA TRP A 352 -12.63 24.37 3.57
C TRP A 352 -13.13 24.85 2.21
N GLU A 353 -12.27 25.60 1.51
CA GLU A 353 -12.56 26.15 0.18
C GLU A 353 -12.81 25.06 -0.87
N GLU A 354 -12.01 23.97 -0.85
CA GLU A 354 -12.14 22.86 -1.81
C GLU A 354 -13.29 21.90 -1.46
N THR A 355 -13.57 21.69 -0.17
CA THR A 355 -14.63 20.79 0.27
C THR A 355 -16.04 21.43 0.06
N PHE A 356 -16.13 22.76 -0.19
CA PHE A 356 -17.40 23.44 -0.43
C PHE A 356 -17.48 24.18 -1.76
N ASN A 357 -16.34 24.31 -2.48
CA ASN A 357 -16.20 25.04 -3.76
C ASN A 357 -16.76 26.44 -3.63
N CYS A 358 -15.98 27.27 -2.93
CA CYS A 358 -16.31 28.62 -2.56
C CYS A 358 -15.03 29.39 -2.30
N HIS A 359 -15.09 30.70 -2.54
CA HIS A 359 -14.01 31.63 -2.23
C HIS A 359 -14.46 32.16 -0.87
N LEU A 360 -13.86 31.63 0.22
CA LEU A 360 -14.19 31.96 1.62
C LEU A 360 -14.22 33.48 1.88
N GLN A 361 -15.23 33.92 2.68
CA GLN A 361 -15.41 35.33 3.04
C GLN A 361 -14.18 35.92 3.71
N GLU A 362 -13.74 37.07 3.16
CA GLU A 362 -12.56 37.83 3.56
C GLU A 362 -12.52 38.21 5.03
N GLY A 363 -13.65 38.69 5.55
CA GLY A 363 -13.74 39.20 6.91
C GLY A 363 -14.45 38.43 8.00
N ALA A 364 -15.80 38.45 8.02
CA ALA A 364 -16.53 37.89 9.16
C ALA A 364 -17.79 37.05 8.88
N LYS A 365 -18.24 36.35 9.95
CA LYS A 365 -19.46 35.55 10.11
C LYS A 365 -20.66 36.57 10.19
N GLY A 366 -21.94 36.16 10.11
CA GLY A 366 -22.46 34.79 10.08
C GLY A 366 -22.94 34.20 8.77
N PRO A 367 -23.95 33.30 8.86
CA PRO A 367 -24.47 32.63 7.66
C PRO A 367 -25.12 33.56 6.64
N LEU A 368 -24.80 33.33 5.36
CA LEU A 368 -25.22 34.09 4.19
C LEU A 368 -25.41 33.12 3.01
N PRO A 369 -26.35 33.39 2.05
CA PRO A 369 -26.53 32.47 0.89
C PRO A 369 -25.26 32.35 0.04
N VAL A 370 -25.14 31.28 -0.76
CA VAL A 370 -23.93 31.10 -1.58
C VAL A 370 -23.92 32.09 -2.76
N ASP A 371 -25.11 32.36 -3.32
CA ASP A 371 -25.26 33.26 -4.45
C ASP A 371 -24.67 34.62 -4.13
N THR A 372 -25.08 35.26 -3.00
CA THR A 372 -24.65 36.60 -2.52
C THR A 372 -24.06 37.49 -3.63
N PHE A 373 -22.78 37.23 -3.99
CA PHE A 373 -22.04 37.93 -5.05
C PHE A 373 -22.60 37.59 -6.44
N LEU A 374 -22.63 36.28 -6.80
CA LEU A 374 -23.15 35.68 -8.04
C LEU A 374 -24.51 36.20 -8.44
N ARG A 375 -25.45 36.39 -7.50
CA ARG A 375 -26.79 36.94 -7.80
C ARG A 375 -26.69 38.32 -8.50
N GLY A 376 -25.49 38.90 -8.51
CA GLY A 376 -25.17 40.15 -9.17
C GLY A 376 -25.20 40.02 -10.68
N HIS A 377 -25.07 38.76 -11.17
CA HIS A 377 -25.13 38.42 -12.61
C HIS A 377 -26.58 38.58 -13.10
N GLU A 378 -27.57 38.47 -12.18
CA GLU A 378 -29.00 38.63 -12.45
C GLU A 378 -29.35 40.06 -12.88
N GLU A 379 -28.49 41.04 -12.53
CA GLU A 379 -28.66 42.45 -12.88
C GLU A 379 -28.56 42.68 -14.37
N SER A 380 -29.37 43.60 -14.90
CA SER A 380 -29.41 43.91 -16.33
C SER A 380 -28.32 44.90 -16.77
N GLY A 381 -27.49 45.35 -15.81
CA GLY A 381 -26.35 46.22 -16.06
C GLY A 381 -25.03 45.51 -15.81
N ASP A 382 -25.03 44.17 -15.91
CA ASP A 382 -23.90 43.29 -15.67
C ASP A 382 -22.79 43.35 -16.78
N ARG A 383 -21.81 42.41 -16.68
CA ARG A 383 -20.57 42.26 -17.43
C ARG A 383 -20.59 41.62 -18.82
N PHE A 384 -19.39 41.70 -19.43
CA PHE A 384 -18.89 41.11 -20.66
C PHE A 384 -17.48 40.67 -20.30
N SER A 385 -17.42 39.48 -19.64
CA SER A 385 -16.26 38.81 -19.06
C SER A 385 -15.55 39.65 -17.98
N GLN A 386 -16.29 40.59 -17.34
CA GLN A 386 -15.75 41.47 -16.31
C GLN A 386 -15.96 40.86 -14.91
N SER A 387 -17.21 40.82 -14.42
CA SER A 387 -17.53 40.28 -13.09
C SER A 387 -17.49 38.73 -13.01
N SER A 388 -17.41 38.03 -14.16
CA SER A 388 -17.32 36.56 -14.23
C SER A 388 -16.05 36.04 -13.57
N THR A 389 -14.96 36.83 -13.65
CA THR A 389 -13.64 36.59 -13.06
C THR A 389 -13.58 37.09 -11.60
N ALA A 390 -14.61 37.83 -11.16
CA ALA A 390 -14.71 38.39 -9.82
C ALA A 390 -15.67 37.63 -8.91
N PHE A 391 -16.98 37.58 -9.26
CA PHE A 391 -18.06 36.93 -8.49
C PHE A 391 -17.84 35.45 -8.35
N ARG A 392 -17.62 34.99 -7.10
CA ARG A 392 -17.39 33.58 -6.77
C ARG A 392 -18.29 33.09 -5.64
N PRO A 393 -18.56 31.76 -5.52
CA PRO A 393 -19.43 31.25 -4.43
C PRO A 393 -18.94 31.62 -3.02
N LEU A 394 -19.87 31.98 -2.12
CA LEU A 394 -19.52 32.48 -0.79
C LEU A 394 -19.58 31.45 0.35
N CYS A 395 -18.49 31.44 1.14
CA CYS A 395 -18.35 30.62 2.33
C CYS A 395 -18.29 31.48 3.58
N THR A 396 -19.15 31.15 4.55
CA THR A 396 -19.29 31.87 5.82
C THR A 396 -18.36 31.32 6.91
N GLY A 397 -18.09 30.02 6.83
CA GLY A 397 -17.27 29.29 7.81
C GLY A 397 -18.17 28.57 8.80
N ASP A 398 -19.49 28.60 8.54
CA ASP A 398 -20.55 27.99 9.37
C ASP A 398 -21.09 26.70 8.81
N GLU A 399 -20.54 26.27 7.67
CA GLU A 399 -20.94 25.06 6.96
C GLU A 399 -20.53 23.80 7.72
N ASN A 400 -21.34 22.74 7.62
CA ASN A 400 -21.08 21.47 8.30
C ASN A 400 -20.33 20.52 7.37
N ILE A 401 -19.17 20.01 7.82
CA ILE A 401 -18.33 19.10 7.05
C ILE A 401 -18.79 17.65 7.13
N ASN A 402 -19.40 17.24 8.27
CA ASN A 402 -19.94 15.88 8.49
C ASN A 402 -21.01 15.56 7.43
N SER A 403 -21.50 16.60 6.72
CA SER A 403 -22.50 16.50 5.66
C SER A 403 -21.91 16.02 4.31
N VAL A 404 -20.99 16.82 3.72
CA VAL A 404 -20.37 16.62 2.38
C VAL A 404 -19.64 15.27 2.23
N GLU A 405 -19.85 14.64 1.06
CA GLU A 405 -19.29 13.36 0.63
C GLU A 405 -17.92 13.55 -0.06
N THR A 406 -16.87 13.55 0.75
CA THR A 406 -15.47 13.70 0.31
C THR A 406 -14.66 12.57 0.91
N PRO A 407 -13.55 12.12 0.28
CA PRO A 407 -12.74 11.04 0.89
C PRO A 407 -12.17 11.37 2.27
N TYR A 408 -12.32 12.64 2.73
CA TYR A 408 -11.87 13.12 4.04
C TYR A 408 -12.59 12.41 5.17
N ILE A 409 -13.94 12.34 5.11
CA ILE A 409 -14.77 11.70 6.14
C ILE A 409 -15.46 10.43 5.58
N ASP A 410 -15.77 10.41 4.27
CA ASP A 410 -16.37 9.25 3.60
C ASP A 410 -15.26 8.18 3.34
N TYR A 411 -14.93 7.43 4.41
CA TYR A 411 -13.89 6.39 4.38
C TYR A 411 -14.32 5.15 5.17
N THR A 412 -13.88 3.96 4.70
CA THR A 412 -14.18 2.66 5.33
C THR A 412 -13.02 2.13 6.18
N HIS A 413 -11.80 2.16 5.63
CA HIS A 413 -10.65 1.65 6.37
C HIS A 413 -9.53 2.66 6.46
N LEU A 414 -8.73 2.57 7.53
CA LEU A 414 -7.55 3.40 7.74
C LEU A 414 -6.34 2.49 7.58
N ARG A 415 -5.60 2.67 6.49
CA ARG A 415 -4.41 1.87 6.19
C ARG A 415 -3.20 2.79 6.13
N ILE A 416 -3.25 3.82 5.25
CA ILE A 416 -2.18 4.80 5.09
C ILE A 416 -2.26 5.78 6.25
N SER A 417 -3.48 6.27 6.61
CA SER A 417 -3.67 7.18 7.75
C SER A 417 -3.07 6.54 9.00
N TYR A 418 -3.24 5.20 9.13
CA TYR A 418 -2.71 4.41 10.22
C TYR A 418 -1.18 4.34 10.19
N ASN A 419 -0.58 4.28 8.98
CA ASN A 419 0.87 4.25 8.83
C ASN A 419 1.48 5.61 9.17
N VAL A 420 0.73 6.71 8.94
CA VAL A 420 1.14 8.07 9.27
C VAL A 420 1.13 8.17 10.80
N TYR A 421 0.07 7.60 11.43
CA TYR A 421 -0.12 7.54 12.88
C TYR A 421 1.06 6.78 13.47
N LEU A 422 1.22 5.51 13.04
CA LEU A 422 2.28 4.61 13.45
C LEU A 422 3.69 5.18 13.21
N ALA A 423 3.84 6.07 12.20
CA ALA A 423 5.13 6.73 11.89
C ALA A 423 5.54 7.72 12.99
N VAL A 424 4.59 8.57 13.43
CA VAL A 424 4.79 9.59 14.47
C VAL A 424 5.19 8.88 15.77
N TYR A 425 4.41 7.83 16.15
CA TYR A 425 4.63 7.05 17.36
C TYR A 425 5.99 6.39 17.40
N SER A 426 6.51 5.91 16.23
CA SER A 426 7.84 5.32 16.09
C SER A 426 8.90 6.32 16.59
N ILE A 427 8.82 7.56 16.13
CA ILE A 427 9.71 8.66 16.47
C ILE A 427 9.59 9.02 17.96
N ALA A 428 8.34 9.10 18.48
CA ALA A 428 8.03 9.39 19.89
C ALA A 428 8.65 8.32 20.82
N HIS A 429 8.49 7.02 20.48
CA HIS A 429 9.03 5.92 21.26
C HIS A 429 10.54 5.85 21.19
N ALA A 430 11.13 6.22 20.03
CA ALA A 430 12.59 6.28 19.86
C ALA A 430 13.16 7.41 20.73
N LEU A 431 12.40 8.51 20.86
CA LEU A 431 12.74 9.67 21.69
C LEU A 431 12.54 9.35 23.17
N GLN A 432 11.51 8.54 23.49
CA GLN A 432 11.22 8.09 24.85
C GLN A 432 12.38 7.21 25.34
N ASP A 433 12.92 6.34 24.45
CA ASP A 433 14.06 5.47 24.73
C ASP A 433 15.31 6.28 25.10
N ILE A 434 15.46 7.50 24.53
CA ILE A 434 16.56 8.44 24.81
C ILE A 434 16.36 8.98 26.24
N TYR A 435 15.14 9.43 26.53
CA TYR A 435 14.68 9.98 27.80
C TYR A 435 14.77 8.96 28.97
N THR A 436 14.50 7.68 28.67
CA THR A 436 14.46 6.57 29.63
C THR A 436 15.82 6.00 30.06
N CYS A 437 16.74 5.67 29.12
CA CYS A 437 18.05 5.04 29.41
C CYS A 437 18.83 5.70 30.57
N LEU A 438 19.55 4.86 31.34
CA LEU A 438 20.39 5.25 32.48
C LEU A 438 21.86 5.37 31.99
N PRO A 439 22.69 6.31 32.55
CA PRO A 439 24.05 6.57 32.03
C PRO A 439 25.03 5.41 31.69
N GLY A 440 24.71 4.17 32.04
CA GLY A 440 25.54 3.01 31.73
C GLY A 440 24.93 2.10 30.67
N ARG A 441 23.65 2.31 30.35
CA ARG A 441 22.89 1.49 29.40
C ARG A 441 22.63 2.12 28.02
N GLY A 442 23.29 3.24 27.73
CA GLY A 442 23.16 3.92 26.44
C GLY A 442 23.76 3.12 25.29
N LEU A 443 23.22 3.32 24.07
CA LEU A 443 23.66 2.61 22.86
C LEU A 443 25.03 3.09 22.35
N PHE A 444 25.28 4.41 22.46
CA PHE A 444 26.49 5.12 22.06
C PHE A 444 27.74 4.71 22.87
N THR A 445 28.95 4.89 22.29
CA THR A 445 30.26 4.47 22.85
C THR A 445 30.67 5.05 24.23
N ASN A 446 30.61 4.24 25.32
CA ASN A 446 29.96 2.93 25.46
C ASN A 446 29.14 3.01 26.72
N GLY A 447 27.84 2.84 26.55
CA GLY A 447 26.89 2.98 27.64
C GLY A 447 26.44 4.41 27.77
N SER A 448 27.03 5.32 26.97
CA SER A 448 26.75 6.76 26.94
C SER A 448 25.33 7.02 26.46
N CYS A 449 24.53 7.71 27.30
CA CYS A 449 23.16 8.07 26.93
C CYS A 449 23.17 9.40 26.18
N ALA A 450 22.04 9.75 25.53
CA ALA A 450 21.94 10.99 24.76
C ALA A 450 21.13 12.03 25.51
N ASP A 451 21.59 13.29 25.49
CA ASP A 451 20.86 14.38 26.15
C ASP A 451 19.68 14.77 25.29
N ILE A 452 18.47 14.60 25.84
CA ILE A 452 17.20 14.91 25.18
C ILE A 452 17.05 16.45 24.91
N LYS A 453 17.67 17.29 25.75
CA LYS A 453 17.65 18.76 25.59
C LYS A 453 18.52 19.19 24.41
N LYS A 454 19.62 18.44 24.16
CA LYS A 454 20.59 18.71 23.08
C LYS A 454 20.56 17.57 22.03
N VAL A 455 19.40 16.88 21.87
CA VAL A 455 19.21 15.74 20.97
C VAL A 455 19.50 16.09 19.49
N GLU A 456 20.23 15.19 18.82
CA GLU A 456 20.61 15.28 17.42
C GLU A 456 19.88 14.21 16.60
N ALA A 457 19.65 14.48 15.30
CA ALA A 457 18.93 13.60 14.38
C ALA A 457 19.53 12.20 14.26
N TRP A 458 20.88 12.11 14.16
CA TRP A 458 21.61 10.83 14.04
C TRP A 458 21.42 9.93 15.27
N GLN A 459 21.21 10.54 16.45
CA GLN A 459 20.97 9.84 17.72
C GLN A 459 19.60 9.16 17.70
N VAL A 460 18.56 9.86 17.14
CA VAL A 460 17.19 9.36 16.99
C VAL A 460 17.22 8.21 16.00
N LEU A 461 18.03 8.34 14.92
CA LEU A 461 18.20 7.30 13.91
C LEU A 461 18.72 6.01 14.55
N LYS A 462 19.77 6.11 15.39
CA LYS A 462 20.37 4.99 16.12
C LYS A 462 19.31 4.29 16.98
N HIS A 463 18.48 5.07 17.69
CA HIS A 463 17.40 4.56 18.53
C HIS A 463 16.28 3.93 17.73
N LEU A 464 16.02 4.45 16.51
CA LEU A 464 15.00 3.92 15.63
C LEU A 464 15.38 2.54 15.07
N ARG A 465 16.69 2.29 14.93
CA ARG A 465 17.25 1.04 14.42
C ARG A 465 17.12 -0.10 15.42
N HIS A 466 17.23 0.23 16.72
CA HIS A 466 17.13 -0.73 17.83
C HIS A 466 15.73 -0.71 18.46
N LEU A 467 14.80 0.04 17.85
CA LEU A 467 13.44 0.22 18.34
C LEU A 467 12.61 -1.05 18.37
N ASN A 468 11.97 -1.26 19.53
CA ASN A 468 11.08 -2.35 19.89
C ASN A 468 10.04 -1.68 20.79
N PHE A 469 8.80 -1.54 20.31
CA PHE A 469 7.71 -0.93 21.09
C PHE A 469 6.37 -1.57 20.80
N THR A 470 5.42 -1.41 21.72
CA THR A 470 4.09 -1.96 21.56
C THR A 470 3.13 -0.91 21.04
N ASN A 471 2.49 -1.25 19.92
CA ASN A 471 1.49 -0.48 19.17
C ASN A 471 0.27 -0.16 20.04
N ASN A 472 -0.48 0.90 19.65
CA ASN A 472 -1.71 1.31 20.33
C ASN A 472 -2.87 0.34 20.03
N MET A 473 -2.55 -0.77 19.36
CA MET A 473 -3.47 -1.85 19.02
C MET A 473 -2.98 -3.18 19.61
N GLY A 474 -1.87 -3.11 20.33
CA GLY A 474 -1.25 -4.25 21.01
C GLY A 474 -0.38 -5.10 20.12
N GLU A 475 0.16 -4.49 19.06
CA GLU A 475 0.99 -5.19 18.10
C GLU A 475 2.45 -4.74 18.20
N GLN A 476 3.40 -5.68 18.24
CA GLN A 476 4.82 -5.36 18.35
C GLN A 476 5.35 -4.68 17.09
N VAL A 477 5.89 -3.46 17.25
CA VAL A 477 6.43 -2.66 16.17
C VAL A 477 7.95 -2.49 16.33
N THR A 478 8.70 -3.23 15.51
CA THR A 478 10.16 -3.21 15.49
C THR A 478 10.65 -3.12 14.03
N PHE A 479 11.84 -2.55 13.82
CA PHE A 479 12.36 -2.38 12.47
C PHE A 479 13.48 -3.33 12.10
N ASP A 480 13.49 -3.74 10.82
CA ASP A 480 14.45 -4.60 10.16
C ASP A 480 15.84 -3.89 10.07
N GLU A 481 16.85 -4.56 9.46
CA GLU A 481 18.19 -4.02 9.26
C GLU A 481 18.13 -2.95 8.17
N CYS A 482 17.29 -3.19 7.15
CA CYS A 482 17.05 -2.34 5.97
C CYS A 482 16.11 -1.16 6.26
N GLY A 483 15.52 -1.14 7.47
CA GLY A 483 14.64 -0.08 7.91
C GLY A 483 13.17 -0.29 7.64
N ASP A 484 12.80 -1.45 7.11
CA ASP A 484 11.40 -1.78 6.83
C ASP A 484 10.71 -2.19 8.11
N LEU A 485 9.38 -2.01 8.18
CA LEU A 485 8.60 -2.42 9.34
C LEU A 485 8.42 -3.94 9.26
N VAL A 486 8.89 -4.69 10.29
CA VAL A 486 8.67 -6.15 10.31
C VAL A 486 7.20 -6.33 10.73
N GLY A 487 6.33 -6.27 9.71
CA GLY A 487 4.90 -6.31 9.86
C GLY A 487 4.11 -7.23 8.97
N ASN A 488 2.82 -7.39 9.31
CA ASN A 488 1.89 -8.25 8.60
C ASN A 488 1.30 -7.61 7.38
N TYR A 489 0.87 -8.48 6.47
CA TYR A 489 0.11 -8.19 5.27
C TYR A 489 -1.26 -8.77 5.62
N SER A 490 -2.31 -7.96 5.54
CA SER A 490 -3.65 -8.44 5.84
C SER A 490 -4.22 -9.18 4.63
N ILE A 491 -4.44 -10.50 4.74
CA ILE A 491 -5.03 -11.29 3.65
C ILE A 491 -6.51 -10.97 3.60
N ILE A 492 -6.94 -10.32 2.52
CA ILE A 492 -8.33 -9.91 2.35
C ILE A 492 -8.99 -10.67 1.21
N ASN A 493 -10.32 -10.71 1.21
CA ASN A 493 -11.11 -11.40 0.20
C ASN A 493 -12.21 -10.50 -0.34
N TRP A 494 -12.46 -10.55 -1.66
CA TRP A 494 -13.47 -9.69 -2.27
C TRP A 494 -14.88 -10.27 -2.21
N HIS A 495 -15.69 -9.79 -1.26
CA HIS A 495 -17.09 -10.18 -1.11
C HIS A 495 -17.99 -9.03 -1.57
N LEU A 496 -19.28 -9.30 -1.81
CA LEU A 496 -20.24 -8.28 -2.18
C LEU A 496 -21.17 -8.05 -1.00
N SER A 497 -21.32 -6.79 -0.57
CA SER A 497 -22.17 -6.40 0.55
C SER A 497 -23.65 -6.59 0.24
N PRO A 498 -24.43 -7.16 1.19
CA PRO A 498 -25.88 -7.34 0.92
C PRO A 498 -26.66 -6.03 1.02
N GLU A 499 -26.41 -5.25 2.09
CA GLU A 499 -27.03 -3.98 2.40
C GLU A 499 -26.59 -2.90 1.40
N ASP A 500 -25.27 -2.64 1.37
CA ASP A 500 -24.59 -1.62 0.57
C ASP A 500 -24.67 -1.85 -0.95
N GLY A 501 -24.31 -3.07 -1.38
CA GLY A 501 -24.30 -3.45 -2.79
C GLY A 501 -22.96 -3.26 -3.49
N SER A 502 -21.90 -2.93 -2.72
CA SER A 502 -20.54 -2.70 -3.21
C SER A 502 -19.56 -3.81 -2.76
N ILE A 503 -18.30 -3.73 -3.24
CA ILE A 503 -17.23 -4.68 -2.88
C ILE A 503 -16.72 -4.40 -1.47
N VAL A 504 -16.61 -5.47 -0.67
CA VAL A 504 -16.15 -5.45 0.72
C VAL A 504 -14.86 -6.25 0.82
N PHE A 505 -13.84 -5.70 1.52
CA PHE A 505 -12.57 -6.40 1.68
C PHE A 505 -12.54 -7.13 3.03
N LYS A 506 -13.13 -8.33 3.07
CA LYS A 506 -13.19 -9.14 4.29
C LYS A 506 -11.85 -9.77 4.57
N GLU A 507 -11.27 -9.46 5.74
CA GLU A 507 -10.00 -9.99 6.20
C GLU A 507 -10.19 -11.49 6.53
N VAL A 508 -9.46 -12.36 5.81
CA VAL A 508 -9.53 -13.82 5.97
C VAL A 508 -8.22 -14.40 6.50
N GLY A 509 -7.22 -13.54 6.74
CA GLY A 509 -5.91 -13.94 7.24
C GLY A 509 -4.86 -12.85 7.41
N TYR A 510 -3.61 -13.29 7.64
CA TYR A 510 -2.42 -12.44 7.85
C TYR A 510 -1.16 -13.12 7.30
N TYR A 511 -0.14 -12.31 6.96
CA TYR A 511 1.16 -12.81 6.51
C TYR A 511 2.30 -12.16 7.30
N ASN A 512 2.80 -12.87 8.31
CA ASN A 512 3.87 -12.43 9.21
C ASN A 512 5.23 -12.74 8.58
N VAL A 513 5.93 -11.70 8.10
CA VAL A 513 7.24 -11.84 7.45
C VAL A 513 8.38 -12.15 8.45
N TYR A 514 8.15 -11.93 9.77
CA TYR A 514 9.12 -12.21 10.85
C TYR A 514 9.24 -13.71 11.15
N ALA A 515 8.10 -14.45 11.12
CA ALA A 515 8.04 -15.90 11.39
C ALA A 515 8.91 -16.71 10.41
N LYS A 516 9.27 -17.95 10.77
CA LYS A 516 10.09 -18.79 9.90
C LYS A 516 9.27 -19.47 8.82
N LYS A 517 9.92 -19.79 7.66
CA LYS A 517 9.34 -20.40 6.46
C LYS A 517 8.31 -21.50 6.77
N GLY A 518 7.08 -21.26 6.33
CA GLY A 518 5.94 -22.15 6.56
C GLY A 518 5.02 -21.66 7.66
N GLU A 519 5.59 -21.04 8.71
CA GLU A 519 4.87 -20.50 9.88
C GLU A 519 4.52 -19.02 9.72
N ARG A 520 4.77 -18.46 8.52
CA ARG A 520 4.53 -17.07 8.13
C ARG A 520 3.07 -16.78 7.79
N LEU A 521 2.37 -17.79 7.25
CA LEU A 521 0.99 -17.70 6.78
C LEU A 521 -0.05 -18.32 7.72
N PHE A 522 -1.25 -17.69 7.82
CA PHE A 522 -2.41 -18.19 8.54
C PHE A 522 -3.71 -17.59 7.96
N ILE A 523 -4.52 -18.46 7.30
CA ILE A 523 -5.80 -18.13 6.62
C ILE A 523 -6.96 -18.98 7.20
N ASN A 524 -8.14 -18.35 7.34
CA ASN A 524 -9.39 -18.99 7.79
C ASN A 524 -10.25 -19.29 6.55
N GLU A 525 -10.13 -20.53 6.00
CA GLU A 525 -10.86 -20.98 4.79
C GLU A 525 -12.37 -20.72 4.87
N GLU A 526 -12.97 -20.91 6.07
CA GLU A 526 -14.39 -20.72 6.33
C GLU A 526 -14.85 -19.30 5.98
N LYS A 527 -13.97 -18.30 6.20
CA LYS A 527 -14.24 -16.89 5.92
C LYS A 527 -14.25 -16.55 4.42
N ILE A 528 -13.60 -17.39 3.58
CA ILE A 528 -13.47 -17.21 2.13
C ILE A 528 -14.73 -17.62 1.35
N LEU A 529 -15.00 -16.91 0.25
CA LEU A 529 -16.07 -17.17 -0.72
C LEU A 529 -15.40 -17.12 -2.08
N TRP A 530 -15.04 -18.30 -2.62
CA TRP A 530 -14.38 -18.47 -3.92
C TRP A 530 -15.28 -18.00 -5.03
N SER A 531 -14.72 -17.22 -5.99
CA SER A 531 -15.43 -16.60 -7.12
C SER A 531 -16.52 -15.60 -6.62
N GLY A 532 -16.66 -15.50 -5.30
CA GLY A 532 -17.61 -14.63 -4.61
C GLY A 532 -18.82 -15.35 -4.04
N PHE A 533 -19.02 -16.65 -4.40
CA PHE A 533 -20.18 -17.42 -3.96
C PHE A 533 -19.88 -18.85 -3.51
N SER A 534 -18.88 -19.51 -4.10
CA SER A 534 -18.53 -20.90 -3.78
C SER A 534 -17.95 -21.04 -2.39
N ARG A 535 -18.27 -22.13 -1.71
CA ARG A 535 -17.76 -22.41 -0.37
C ARG A 535 -16.80 -23.61 -0.36
N GLU A 536 -16.51 -24.15 -1.55
CA GLU A 536 -15.57 -25.26 -1.74
C GLU A 536 -14.32 -24.80 -2.50
N VAL A 537 -13.13 -25.10 -1.95
CA VAL A 537 -11.82 -24.72 -2.50
C VAL A 537 -11.66 -25.23 -3.93
N PRO A 538 -11.37 -24.34 -4.90
CA PRO A 538 -11.28 -24.77 -6.30
C PRO A 538 -10.13 -25.71 -6.65
N PHE A 539 -10.29 -26.34 -7.81
CA PHE A 539 -9.30 -27.23 -8.40
C PHE A 539 -8.50 -26.41 -9.42
N SER A 540 -7.18 -26.38 -9.24
CA SER A 540 -6.27 -25.70 -10.15
C SER A 540 -4.95 -26.46 -10.28
N ASN A 541 -5.06 -27.71 -10.74
CA ASN A 541 -3.96 -28.62 -11.05
C ASN A 541 -4.07 -28.90 -12.55
N CYS A 542 -2.93 -29.19 -13.22
CA CYS A 542 -2.87 -29.42 -14.66
C CYS A 542 -3.66 -30.65 -15.06
N SER A 543 -3.34 -31.79 -14.42
CA SER A 543 -3.99 -33.06 -14.68
C SER A 543 -4.69 -33.58 -13.44
N ARG A 544 -5.90 -34.13 -13.64
CA ARG A 544 -6.70 -34.73 -12.58
C ARG A 544 -6.06 -36.06 -12.19
N ASP A 545 -6.06 -36.39 -10.89
CA ASP A 545 -5.45 -37.59 -10.32
C ASP A 545 -5.78 -38.88 -11.07
N CYS A 546 -4.74 -39.68 -11.36
CA CYS A 546 -4.88 -40.95 -12.07
C CYS A 546 -5.58 -41.97 -11.18
N LEU A 547 -6.61 -42.62 -11.73
CA LEU A 547 -7.41 -43.60 -10.99
C LEU A 547 -6.82 -45.02 -11.03
N ALA A 548 -7.53 -46.00 -10.43
CA ALA A 548 -7.13 -47.41 -10.43
C ALA A 548 -7.42 -47.98 -11.83
N GLY A 549 -6.42 -48.64 -12.38
CA GLY A 549 -6.43 -49.20 -13.72
C GLY A 549 -5.47 -48.45 -14.65
N THR A 550 -5.07 -47.22 -14.22
CA THR A 550 -4.15 -46.33 -14.94
C THR A 550 -2.94 -45.92 -14.09
N ARG A 551 -1.84 -45.55 -14.75
CA ARG A 551 -0.59 -45.08 -14.14
C ARG A 551 -0.20 -43.70 -14.68
N LYS A 552 0.74 -43.01 -14.00
CA LYS A 552 1.23 -41.69 -14.42
C LYS A 552 2.23 -41.80 -15.56
N GLY A 553 1.94 -41.09 -16.65
CA GLY A 553 2.76 -41.04 -17.85
C GLY A 553 3.23 -39.64 -18.16
N ILE A 554 4.52 -39.48 -18.51
CA ILE A 554 5.11 -38.18 -18.80
C ILE A 554 4.66 -37.66 -20.17
N ILE A 555 4.26 -36.36 -20.22
CA ILE A 555 3.88 -35.69 -21.47
C ILE A 555 5.10 -34.89 -21.93
N GLU A 556 5.56 -35.14 -23.16
CA GLU A 556 6.73 -34.47 -23.74
C GLU A 556 6.39 -33.02 -24.09
N GLY A 557 7.24 -32.11 -23.63
CA GLY A 557 7.08 -30.67 -23.84
C GLY A 557 6.42 -29.97 -22.67
N GLU A 558 5.35 -30.59 -22.12
CA GLU A 558 4.59 -30.05 -20.98
C GLU A 558 5.36 -30.26 -19.65
N PRO A 559 5.29 -29.31 -18.68
CA PRO A 559 6.05 -29.46 -17.42
C PRO A 559 5.65 -30.65 -16.52
N THR A 560 6.54 -30.94 -15.52
CA THR A 560 6.45 -32.06 -14.58
C THR A 560 5.05 -32.36 -13.98
N CYS A 561 4.26 -31.32 -13.65
CA CYS A 561 2.94 -31.51 -13.06
C CYS A 561 1.86 -31.95 -14.07
N CYS A 562 2.11 -31.85 -15.36
CA CYS A 562 1.20 -32.30 -16.43
C CYS A 562 1.50 -33.75 -16.77
N PHE A 563 0.58 -34.66 -16.37
CA PHE A 563 0.73 -36.10 -16.60
C PHE A 563 -0.44 -36.73 -17.36
N GLU A 564 -0.18 -37.86 -17.99
CA GLU A 564 -1.11 -38.66 -18.78
C GLU A 564 -1.54 -39.87 -17.96
N CYS A 565 -2.83 -40.23 -18.02
CA CYS A 565 -3.30 -41.42 -17.32
C CYS A 565 -3.25 -42.61 -18.29
N VAL A 566 -2.09 -43.27 -18.31
CA VAL A 566 -1.75 -44.41 -19.16
C VAL A 566 -2.35 -45.69 -18.57
N GLU A 567 -3.27 -46.34 -19.32
CA GLU A 567 -3.92 -47.57 -18.89
C GLU A 567 -2.89 -48.68 -18.74
N CYS A 568 -3.03 -49.51 -17.70
CA CYS A 568 -2.12 -50.60 -17.41
C CYS A 568 -2.02 -51.60 -18.56
N PRO A 569 -0.84 -52.17 -18.86
CA PRO A 569 -0.75 -53.16 -19.94
C PRO A 569 -1.36 -54.51 -19.51
N ASP A 570 -1.64 -55.39 -20.48
CA ASP A 570 -2.22 -56.71 -20.23
C ASP A 570 -1.26 -57.55 -19.38
N GLY A 571 -1.71 -57.93 -18.18
CA GLY A 571 -0.91 -58.69 -17.23
C GLY A 571 -0.41 -57.87 -16.05
N GLU A 572 -0.79 -56.57 -16.02
CA GLU A 572 -0.43 -55.58 -14.99
C GLU A 572 -1.68 -54.90 -14.40
N TYR A 573 -1.60 -54.48 -13.12
CA TYR A 573 -2.71 -53.82 -12.42
C TYR A 573 -2.23 -52.64 -11.59
N SER A 574 -3.08 -51.62 -11.42
CA SER A 574 -2.78 -50.50 -10.54
C SER A 574 -3.87 -50.47 -9.47
N ASP A 575 -3.48 -50.84 -8.25
CA ASP A 575 -4.31 -50.99 -7.07
C ASP A 575 -4.96 -49.68 -6.59
N GLU A 576 -4.15 -48.64 -6.35
CA GLU A 576 -4.61 -47.36 -5.82
C GLU A 576 -4.51 -46.21 -6.84
N THR A 577 -4.99 -45.02 -6.44
CA THR A 577 -4.95 -43.80 -7.25
C THR A 577 -3.56 -43.15 -7.15
N ASP A 578 -3.17 -42.39 -8.20
CA ASP A 578 -1.89 -41.66 -8.31
C ASP A 578 -0.67 -42.61 -8.26
N ALA A 579 -0.73 -43.73 -9.01
CA ALA A 579 0.33 -44.73 -9.08
C ALA A 579 1.37 -44.34 -10.13
N SER A 580 2.67 -44.51 -9.80
CA SER A 580 3.78 -44.19 -10.70
C SER A 580 3.89 -45.19 -11.86
N ALA A 581 3.63 -46.48 -11.57
CA ALA A 581 3.66 -47.58 -12.53
C ALA A 581 2.73 -48.71 -12.10
N CYS A 582 2.36 -49.59 -13.04
CA CYS A 582 1.50 -50.75 -12.78
C CYS A 582 2.34 -51.92 -12.31
N ASN A 583 1.82 -52.69 -11.33
CA ASN A 583 2.51 -53.85 -10.76
C ASN A 583 2.20 -55.10 -11.58
N LYS A 584 3.21 -55.96 -11.79
CA LYS A 584 3.06 -57.22 -12.51
C LYS A 584 2.22 -58.19 -11.66
N CYS A 585 1.50 -59.11 -12.31
CA CYS A 585 0.65 -60.06 -11.59
C CYS A 585 1.31 -61.43 -11.37
N PRO A 586 0.83 -62.25 -10.38
CA PRO A 586 1.46 -63.57 -10.15
C PRO A 586 1.44 -64.44 -11.41
N ASP A 587 2.49 -65.27 -11.61
CA ASP A 587 2.66 -66.14 -12.79
C ASP A 587 1.42 -66.95 -13.17
N ASP A 588 0.59 -67.34 -12.16
CA ASP A 588 -0.65 -68.10 -12.36
C ASP A 588 -1.87 -67.22 -12.68
N PHE A 589 -1.82 -65.91 -12.33
CA PHE A 589 -2.97 -65.02 -12.51
C PHE A 589 -2.76 -63.92 -13.56
N TRP A 590 -3.85 -63.22 -13.91
CA TRP A 590 -3.86 -62.18 -14.94
C TRP A 590 -4.78 -61.02 -14.59
N SER A 591 -4.53 -59.85 -15.23
CA SER A 591 -5.29 -58.61 -15.10
C SER A 591 -6.77 -58.81 -15.31
N ASN A 592 -7.58 -58.07 -14.57
CA ASN A 592 -9.01 -58.09 -14.82
C ASN A 592 -9.25 -57.14 -15.99
N GLU A 593 -10.47 -57.05 -16.49
CA GLU A 593 -10.78 -56.21 -17.65
C GLU A 593 -10.46 -54.73 -17.49
N ASN A 594 -10.83 -54.12 -16.35
CA ASN A 594 -10.56 -52.70 -16.14
C ASN A 594 -9.28 -52.42 -15.33
N HIS A 595 -8.41 -53.44 -15.17
CA HIS A 595 -7.08 -53.34 -14.57
C HIS A 595 -7.00 -52.88 -13.12
N THR A 596 -8.12 -52.95 -12.38
CA THR A 596 -8.14 -52.54 -10.96
C THR A 596 -7.25 -53.45 -10.11
N SER A 597 -7.32 -54.78 -10.35
CA SER A 597 -6.61 -55.85 -9.61
C SER A 597 -6.56 -57.14 -10.44
N CYS A 598 -5.63 -58.09 -10.13
CA CYS A 598 -5.63 -59.35 -10.89
C CYS A 598 -6.63 -60.36 -10.34
N ILE A 599 -7.15 -61.18 -11.27
CA ILE A 599 -8.09 -62.27 -11.04
C ILE A 599 -7.47 -63.63 -11.45
N ALA A 600 -7.99 -64.73 -10.89
CA ALA A 600 -7.52 -66.10 -11.14
C ALA A 600 -7.84 -66.59 -12.55
N LYS A 601 -6.82 -67.19 -13.22
CA LYS A 601 -6.98 -67.76 -14.56
C LYS A 601 -7.77 -69.06 -14.46
N GLU A 602 -8.94 -69.12 -15.13
CA GLU A 602 -9.81 -70.30 -15.11
C GLU A 602 -9.14 -71.53 -15.76
N ILE A 603 -8.71 -72.48 -14.90
CA ILE A 603 -8.09 -73.74 -15.26
C ILE A 603 -8.72 -74.86 -14.40
CA CA B . 4.01 12.76 -0.75
S SO4 C . -6.18 5.27 3.88
O1 SO4 C . -5.82 5.87 5.17
O2 SO4 C . -5.50 4.00 3.69
O3 SO4 C . -7.63 4.98 3.86
O4 SO4 C . -5.80 6.20 2.82
S SO4 D . -11.35 4.10 1.96
O1 SO4 D . -11.80 5.49 1.96
O2 SO4 D . -10.23 3.93 2.87
O3 SO4 D . -12.48 3.26 2.35
O4 SO4 D . -10.93 3.71 0.61
S SO4 E . -8.61 21.01 -8.94
O1 SO4 E . -8.22 22.41 -8.73
O2 SO4 E . -8.34 20.23 -7.72
O3 SO4 E . -10.03 20.91 -9.24
O4 SO4 E . -7.82 20.47 -10.05
C1 NAG F . -5.07 -20.18 -28.29
C2 NAG F . -6.16 -19.33 -28.97
C3 NAG F . -5.75 -19.11 -30.43
C4 NAG F . -4.38 -18.43 -30.53
C5 NAG F . -3.34 -19.22 -29.74
C6 NAG F . -2.05 -18.44 -29.57
C7 NAG F . -7.99 -20.92 -29.61
C8 NAG F . -9.48 -21.10 -29.61
N2 NAG F . -7.52 -19.86 -28.91
O3 NAG F . -6.73 -18.34 -31.11
O4 NAG F . -3.99 -18.36 -31.89
O5 NAG F . -3.83 -19.47 -28.42
O6 NAG F . -1.30 -18.89 -28.44
O7 NAG F . -7.24 -21.71 -30.21
C1 NAG G . -22.21 -11.51 -19.72
C2 NAG G . -23.52 -11.26 -18.97
C3 NAG G . -24.81 -11.31 -19.80
C4 NAG G . -24.63 -10.54 -21.09
C5 NAG G . -23.42 -11.09 -21.85
C6 NAG G . -23.15 -10.38 -23.15
C7 NAG G . -24.17 -11.68 -16.62
C8 NAG G . -24.64 -12.76 -15.70
N2 NAG G . -23.65 -12.11 -17.80
O3 NAG G . -25.87 -10.75 -19.05
O4 NAG G . -25.82 -10.65 -21.87
O5 NAG G . -22.23 -10.95 -21.06
O6 NAG G . -24.25 -10.43 -24.05
O7 NAG G . -24.29 -10.49 -16.35
C1 NAG H . 32.73 0.19 22.62
C2 NAG H . 34.24 -0.07 22.65
C3 NAG H . 34.56 -0.34 21.18
C4 NAG H . 33.80 -1.58 20.70
C5 NAG H . 32.29 -1.44 20.95
C6 NAG H . 31.51 -2.72 20.72
C7 NAG H . 35.69 1.13 24.24
C8 NAG H . 36.04 2.50 24.76
N2 NAG H . 34.94 1.11 23.13
O3 NAG H . 35.95 -0.53 21.02
O4 NAG H . 34.03 -1.76 19.30
O5 NAG H . 32.05 -1.03 22.31
O6 NAG H . 31.91 -3.78 21.60
O7 NAG H . 36.08 0.11 24.80
C1 NAG I . 12.28 -7.15 21.08
C2 NAG I . 10.87 -7.72 21.29
C3 NAG I . 11.05 -9.23 21.42
C4 NAG I . 11.70 -9.80 20.16
C5 NAG I . 13.04 -9.10 19.89
C6 NAG I . 13.67 -9.48 18.57
C7 NAG I . 10.42 -7.40 23.74
C8 NAG I . 9.44 -6.84 24.72
N2 NAG I . 10.13 -7.18 22.44
O3 NAG I . 9.78 -9.86 21.65
O4 NAG I . 11.93 -11.20 20.34
O5 NAG I . 12.84 -7.68 19.87
O6 NAG I . 12.90 -9.06 17.45
O7 NAG I . 11.43 -8.01 24.11
C1 NAG J . 1.40 -8.96 13.23
C2 NAG J . 1.74 -7.68 13.98
C3 NAG J . 2.56 -8.18 15.17
C4 NAG J . 1.71 -9.13 16.02
C5 NAG J . 1.20 -10.30 15.18
C6 NAG J . 0.24 -11.21 15.90
C7 NAG J . 2.60 -5.49 13.20
C8 NAG J . 2.94 -4.75 11.95
N2 NAG J . 2.54 -6.83 13.11
O3 NAG J . 3.01 -7.08 15.94
O4 NAG J . 2.49 -9.60 17.12
O5 NAG J . 0.55 -9.81 14.00
O6 NAG J . -1.03 -10.58 16.12
O7 NAG J . 2.38 -4.89 14.25
C1 NAG K . -3.21 -30.97 -6.69
C2 NAG K . -4.07 -31.99 -5.94
C3 NAG K . -3.68 -31.86 -4.46
C4 NAG K . -2.19 -32.17 -4.28
C5 NAG K . -1.34 -31.30 -5.20
C6 NAG K . 0.11 -31.73 -5.24
C7 NAG K . -6.37 -32.82 -6.28
C8 NAG K . -7.81 -32.43 -6.39
N2 NAG K . -5.50 -31.81 -6.12
O3 NAG K . -4.47 -32.72 -3.67
O4 NAG K . -1.82 -31.95 -2.92
O5 NAG K . -1.84 -31.36 -6.54
O6 NAG K . 0.81 -31.34 -4.07
O7 NAG K . -6.00 -34.00 -6.33
C1 NAG L . -14.72 -52.27 -13.39
C2 NAG L . -15.38 -50.94 -13.00
C3 NAG L . -16.57 -51.15 -12.06
C4 NAG L . -17.60 -52.04 -12.73
C5 NAG L . -16.96 -53.32 -13.25
C6 NAG L . -17.90 -54.16 -14.12
C7 NAG L . -13.83 -50.01 -11.24
C8 NAG L . -13.07 -48.78 -10.86
N2 NAG L . -14.45 -49.96 -12.46
O3 NAG L . -17.13 -49.88 -11.73
O4 NAG L . -18.65 -52.34 -11.82
O5 NAG L . -15.78 -53.01 -14.04
O6 NAG L . -18.31 -53.42 -15.26
O7 NAG L . -13.91 -50.99 -10.50
#